data_7ZHF
#
_entry.id   7ZHF
#
_cell.length_a   46.305
_cell.length_b   84.950
_cell.length_c   75.322
_cell.angle_alpha   90.000
_cell.angle_beta   95.618
_cell.angle_gamma   90.000
#
_symmetry.space_group_name_H-M   'I 1 2 1'
#
loop_
_entity.id
_entity.type
_entity.pdbx_description
1 polymer GTPase
2 non-polymer 'PHOSPHOAMINOPHOSPHONIC ACID-GUANYLATE ESTER'
3 non-polymer 'MAGNESIUM ION'
4 non-polymer GLYCEROL
5 non-polymer 'CHLORIDE ION'
6 water water
#
_entity_poly.entity_id   1
_entity_poly.type   'polypeptide(L)'
_entity_poly.pdbx_seq_one_letter_code
;MHHHHHHHHHHLEVLFQGPSYFIFVLGTAGSGKTTLVKALQDYLLNNELDTAIINLDPAVEVLPYKPDIDAREYVDVYDV
MNKYELGPNSSLVISVDLLLTKAKELKEDLNQLQANYVLVDTPGQIELFAYRDTGKILSSFISEGSKSVSVFLFDSYLSK
DPKSFLSLFLLSSSIKFRIDMPQISVLSKVDLLSSSELERMRSWIEDGSIIDELGSIDEYSFELVKTIVENLESFPIPVS
STNFSGLDQLYAEVQKVLAGGEDFETEEPNPRLA
;
_entity_poly.pdbx_strand_id   A
#
# COMPACT_ATOMS: atom_id res chain seq x y z
N HIS A 10 41.24 -11.30 -6.30
CA HIS A 10 39.83 -10.92 -6.55
C HIS A 10 39.25 -10.32 -5.26
N HIS A 11 38.19 -9.53 -5.42
CA HIS A 11 37.40 -9.02 -4.30
C HIS A 11 35.97 -9.47 -4.53
N LEU A 12 35.47 -10.35 -3.66
CA LEU A 12 34.14 -10.91 -3.79
C LEU A 12 33.08 -10.13 -3.02
N GLU A 13 33.47 -9.10 -2.28
CA GLU A 13 32.50 -8.22 -1.64
C GLU A 13 31.94 -7.19 -2.60
N VAL A 14 32.58 -6.97 -3.74
CA VAL A 14 32.24 -5.88 -4.64
C VAL A 14 31.21 -6.38 -5.64
N LEU A 15 30.01 -5.84 -5.55
CA LEU A 15 28.91 -6.16 -6.46
C LEU A 15 28.54 -4.94 -7.29
N PHE A 16 27.93 -5.21 -8.45
CA PHE A 16 27.47 -4.15 -9.31
C PHE A 16 26.37 -3.35 -8.62
N GLN A 17 26.51 -2.03 -8.65
CA GLN A 17 25.59 -1.16 -7.93
C GLN A 17 24.73 -0.33 -8.88
N GLY A 18 23.48 -0.13 -8.47
CA GLY A 18 22.54 0.68 -9.20
C GLY A 18 21.42 1.18 -8.30
N PRO A 19 20.57 2.04 -8.84
CA PRO A 19 19.47 2.58 -8.02
C PRO A 19 18.36 1.56 -7.76
N SER A 20 17.80 1.65 -6.57
CA SER A 20 16.68 0.82 -6.16
C SER A 20 15.58 1.71 -5.62
N TYR A 21 14.34 1.41 -6.01
CA TYR A 21 13.18 2.19 -5.59
C TYR A 21 12.15 1.23 -5.01
N PHE A 22 11.73 1.48 -3.77
CA PHE A 22 10.81 0.61 -3.06
C PHE A 22 9.40 1.18 -3.17
N ILE A 23 8.45 0.32 -3.51
CA ILE A 23 7.05 0.70 -3.72
C ILE A 23 6.21 -0.18 -2.80
N PHE A 24 5.69 0.41 -1.73
CA PHE A 24 4.93 -0.29 -0.71
C PHE A 24 3.45 -0.17 -1.05
N VAL A 25 2.80 -1.29 -1.28
CA VAL A 25 1.39 -1.34 -1.64
C VAL A 25 0.60 -1.64 -0.37
N LEU A 26 -0.21 -0.66 0.04
CA LEU A 26 -0.95 -0.65 1.28
C LEU A 26 -2.44 -0.53 0.96
N GLY A 27 -3.27 -0.95 1.90
CA GLY A 27 -4.70 -0.84 1.65
C GLY A 27 -5.50 -1.74 2.56
N THR A 28 -6.80 -1.46 2.62
CA THR A 28 -7.68 -2.24 3.46
C THR A 28 -7.75 -3.68 2.97
N ALA A 29 -8.31 -4.54 3.82
CA ALA A 29 -8.46 -5.95 3.51
C ALA A 29 -9.20 -6.14 2.20
N GLY A 30 -8.57 -6.86 1.28
CA GLY A 30 -9.22 -7.19 0.03
C GLY A 30 -9.27 -6.07 -0.99
N SER A 31 -8.59 -4.95 -0.76
CA SER A 31 -8.61 -3.86 -1.73
C SER A 31 -7.86 -4.20 -3.02
N GLY A 32 -7.15 -5.32 -3.09
CA GLY A 32 -6.47 -5.74 -4.28
C GLY A 32 -4.94 -5.58 -4.26
N LYS A 33 -4.33 -5.51 -3.10
CA LYS A 33 -2.88 -5.26 -3.03
C LYS A 33 -2.09 -6.33 -3.76
N THR A 34 -2.35 -7.60 -3.45
CA THR A 34 -1.54 -8.70 -3.97
C THR A 34 -1.71 -8.83 -5.47
N THR A 35 -2.93 -8.65 -5.97
CA THR A 35 -3.15 -8.69 -7.40
C THR A 35 -2.49 -7.51 -8.11
N LEU A 36 -2.52 -6.33 -7.51
CA LEU A 36 -1.87 -5.16 -8.11
C LEU A 36 -0.36 -5.33 -8.16
N VAL A 37 0.24 -5.89 -7.10
CA VAL A 37 1.68 -6.15 -7.13
C VAL A 37 2.03 -7.01 -8.34
N LYS A 38 1.29 -8.10 -8.55
CA LYS A 38 1.52 -8.95 -9.71
C LYS A 38 1.33 -8.16 -11.00
N ALA A 39 0.28 -7.34 -11.09
CA ALA A 39 0.04 -6.60 -12.31
C ALA A 39 1.13 -5.55 -12.55
N LEU A 40 1.57 -4.89 -11.49
CA LEU A 40 2.60 -3.85 -11.62
C LEU A 40 3.93 -4.48 -11.98
N GLN A 41 4.22 -5.67 -11.43
CA GLN A 41 5.45 -6.36 -11.84
C GLN A 41 5.40 -6.72 -13.32
N ASP A 42 4.28 -7.27 -13.78
CA ASP A 42 4.15 -7.56 -15.20
C ASP A 42 4.39 -6.30 -16.04
N TYR A 43 3.77 -5.20 -15.66
CA TYR A 43 3.88 -3.96 -16.43
C TYR A 43 5.32 -3.49 -16.50
N LEU A 44 6.03 -3.51 -15.36
CA LEU A 44 7.40 -3.01 -15.34
C LEU A 44 8.34 -3.91 -16.12
N LEU A 45 8.18 -5.23 -15.99
CA LEU A 45 9.04 -6.14 -16.76
C LEU A 45 8.73 -6.06 -18.24
N ASN A 46 7.46 -5.93 -18.60
CA ASN A 46 7.11 -5.73 -20.01
C ASN A 46 7.81 -4.52 -20.60
N ASN A 47 8.19 -3.56 -19.75
CA ASN A 47 8.93 -2.37 -20.17
C ASN A 47 10.41 -2.46 -19.82
N GLU A 48 10.93 -3.67 -19.67
CA GLU A 48 12.37 -3.91 -19.47
C GLU A 48 12.90 -3.20 -18.23
N LEU A 49 12.09 -3.18 -17.17
CA LEU A 49 12.48 -2.59 -15.90
C LEU A 49 12.59 -3.69 -14.86
N ASP A 50 13.80 -3.89 -14.32
CA ASP A 50 14.08 -5.01 -13.44
C ASP A 50 13.35 -4.84 -12.11
N THR A 51 12.51 -5.79 -11.77
CA THR A 51 11.61 -5.64 -10.62
C THR A 51 11.59 -6.90 -9.79
N ALA A 52 11.73 -6.74 -8.47
CA ALA A 52 11.59 -7.82 -7.52
C ALA A 52 10.41 -7.56 -6.57
N ILE A 53 10.01 -8.61 -5.88
CA ILE A 53 8.86 -8.51 -4.98
C ILE A 53 9.24 -9.01 -3.59
N ILE A 54 8.87 -8.23 -2.59
CA ILE A 54 8.95 -8.62 -1.18
C ILE A 54 7.53 -8.84 -0.69
N ASN A 55 7.27 -10.02 -0.11
CA ASN A 55 6.00 -10.30 0.55
C ASN A 55 6.14 -10.13 2.06
N LEU A 56 5.46 -9.15 2.63
CA LEU A 56 5.51 -8.93 4.07
C LEU A 56 4.31 -9.51 4.81
N ASP A 57 3.45 -10.27 4.12
CA ASP A 57 2.30 -10.87 4.78
C ASP A 57 2.61 -12.30 5.19
N PRO A 58 2.86 -12.57 6.48
CA PRO A 58 3.24 -13.93 6.88
C PRO A 58 2.09 -14.90 6.84
N ALA A 59 0.86 -14.44 6.66
CA ALA A 59 -0.31 -15.29 6.76
C ALA A 59 -0.90 -15.70 5.41
N VAL A 60 -0.42 -15.13 4.31
CA VAL A 60 -0.98 -15.46 3.01
C VAL A 60 -0.68 -16.92 2.68
N GLU A 61 -1.61 -17.55 1.97
CA GLU A 61 -1.47 -18.95 1.60
C GLU A 61 -1.06 -19.13 0.16
N VAL A 62 -1.67 -18.40 -0.77
CA VAL A 62 -1.40 -18.54 -2.19
C VAL A 62 -1.08 -17.17 -2.77
N LEU A 63 0.02 -17.09 -3.52
CA LEU A 63 0.41 -15.85 -4.15
C LEU A 63 0.42 -16.02 -5.67
N PRO A 64 -0.02 -15.00 -6.41
CA PRO A 64 0.07 -15.07 -7.88
C PRO A 64 1.45 -14.77 -8.43
N TYR A 65 2.41 -14.42 -7.58
CA TYR A 65 3.76 -14.09 -8.00
C TYR A 65 4.75 -14.93 -7.22
N LYS A 66 6.03 -14.81 -7.60
CA LYS A 66 7.12 -15.49 -6.89
C LYS A 66 7.86 -14.45 -6.05
N PRO A 67 7.68 -14.41 -4.73
CA PRO A 67 8.35 -13.38 -3.94
C PRO A 67 9.85 -13.65 -3.82
N ASP A 68 10.65 -12.61 -4.01
CA ASP A 68 12.10 -12.73 -3.89
C ASP A 68 12.52 -12.76 -2.43
N ILE A 69 11.75 -12.11 -1.56
CA ILE A 69 11.87 -12.23 -0.11
C ILE A 69 10.46 -12.48 0.42
N ASP A 70 10.31 -13.46 1.31
CA ASP A 70 8.99 -13.91 1.75
C ASP A 70 8.95 -14.00 3.26
N ALA A 71 8.03 -13.23 3.88
CA ALA A 71 7.93 -13.18 5.33
C ALA A 71 7.53 -14.52 5.93
N ARG A 72 6.96 -15.43 5.13
CA ARG A 72 6.50 -16.70 5.67
C ARG A 72 7.65 -17.61 6.05
N GLU A 73 8.83 -17.38 5.48
CA GLU A 73 10.03 -18.13 5.82
C GLU A 73 10.70 -17.64 7.09
N TYR A 74 10.17 -16.59 7.71
CA TYR A 74 10.72 -16.01 8.91
C TYR A 74 9.84 -16.18 10.14
N VAL A 75 8.53 -16.19 9.97
CA VAL A 75 7.61 -16.33 11.09
C VAL A 75 6.45 -17.22 10.67
N ASP A 76 6.06 -18.12 11.56
CA ASP A 76 4.90 -18.98 11.38
C ASP A 76 3.77 -18.39 12.21
N VAL A 77 2.75 -17.85 11.53
CA VAL A 77 1.67 -17.17 12.23
C VAL A 77 0.96 -18.14 13.17
N TYR A 78 0.55 -19.31 12.65
CA TYR A 78 -0.20 -20.25 13.47
C TYR A 78 0.61 -20.71 14.68
N ASP A 79 1.93 -20.81 14.53
CA ASP A 79 2.77 -21.12 15.68
C ASP A 79 2.74 -19.98 16.69
N VAL A 80 2.61 -18.74 16.22
CA VAL A 80 2.53 -17.60 17.12
C VAL A 80 1.23 -17.62 17.90
N MET A 81 0.11 -17.86 17.22
CA MET A 81 -1.18 -17.88 17.89
C MET A 81 -1.22 -18.96 18.96
N ASN A 82 -0.46 -20.04 18.77
CA ASN A 82 -0.45 -21.12 19.74
C ASN A 82 0.52 -20.83 20.88
N LYS A 83 1.71 -20.33 20.56
CA LYS A 83 2.72 -20.13 21.60
C LYS A 83 2.38 -18.96 22.52
N TYR A 84 1.54 -18.03 22.07
CA TYR A 84 1.20 -16.85 22.87
C TYR A 84 -0.26 -16.74 23.24
N GLU A 85 -1.13 -17.63 22.74
CA GLU A 85 -2.52 -17.69 23.17
C GLU A 85 -3.25 -16.39 22.86
N LEU A 86 -3.04 -15.87 21.66
CA LEU A 86 -3.62 -14.61 21.22
C LEU A 86 -4.80 -14.89 20.30
N GLY A 87 -5.51 -13.80 19.97
CA GLY A 87 -6.62 -13.89 19.04
C GLY A 87 -6.12 -13.93 17.61
N PRO A 88 -7.06 -14.07 16.67
CA PRO A 88 -6.65 -14.19 15.26
C PRO A 88 -6.01 -12.93 14.71
N ASN A 89 -6.44 -11.75 15.14
CA ASN A 89 -5.87 -10.53 14.62
C ASN A 89 -4.63 -10.07 15.39
N SER A 90 -4.63 -10.21 16.72
CA SER A 90 -3.41 -9.88 17.45
C SER A 90 -2.27 -10.80 17.04
N SER A 91 -2.59 -12.05 16.69
CA SER A 91 -1.56 -12.98 16.26
C SER A 91 -0.86 -12.50 14.98
N LEU A 92 -1.62 -11.92 14.06
N LEU A 92 -1.63 -11.96 14.03
CA LEU A 92 -1.04 -11.44 12.81
CA LEU A 92 -1.01 -11.43 12.82
C LEU A 92 -0.20 -10.19 13.04
C LEU A 92 -0.10 -10.25 13.16
N VAL A 93 -0.60 -9.32 13.98
CA VAL A 93 0.17 -8.14 14.32
C VAL A 93 1.50 -8.55 14.94
N ILE A 94 1.45 -9.47 15.91
CA ILE A 94 2.68 -9.86 16.59
C ILE A 94 3.62 -10.59 15.63
N SER A 95 3.07 -11.39 14.72
CA SER A 95 3.90 -12.06 13.71
C SER A 95 4.70 -11.05 12.90
N VAL A 96 4.05 -10.00 12.41
CA VAL A 96 4.77 -8.95 11.70
C VAL A 96 5.80 -8.31 12.61
N ASP A 97 5.39 -7.98 13.84
CA ASP A 97 6.34 -7.46 14.80
C ASP A 97 7.55 -8.38 14.94
N LEU A 98 7.31 -9.70 14.96
CA LEU A 98 8.42 -10.63 15.17
C LEU A 98 9.43 -10.56 14.03
N LEU A 99 9.03 -10.08 12.85
CA LEU A 99 9.97 -9.98 11.74
C LEU A 99 11.18 -9.15 12.11
N LEU A 100 10.95 -8.05 12.84
CA LEU A 100 12.05 -7.17 13.22
C LEU A 100 13.04 -7.83 14.16
N THR A 101 12.63 -8.86 14.91
CA THR A 101 13.58 -9.58 15.75
C THR A 101 14.65 -10.26 14.90
N LYS A 102 14.31 -10.62 13.66
CA LYS A 102 15.26 -11.25 12.75
C LYS A 102 15.85 -10.24 11.77
N ALA A 103 16.12 -9.03 12.26
CA ALA A 103 16.71 -8.00 11.40
C ALA A 103 18.03 -8.47 10.80
N LYS A 104 18.81 -9.24 11.55
CA LYS A 104 20.07 -9.78 11.03
C LYS A 104 19.84 -10.58 9.75
N GLU A 105 18.97 -11.59 9.81
CA GLU A 105 18.71 -12.42 8.65
C GLU A 105 18.07 -11.62 7.53
N LEU A 106 17.23 -10.64 7.85
CA LEU A 106 16.52 -9.89 6.82
C LEU A 106 17.47 -9.00 6.04
N LYS A 107 18.35 -8.27 6.73
CA LYS A 107 19.26 -7.36 6.03
C LYS A 107 20.15 -8.12 5.07
N GLU A 108 20.48 -9.37 5.39
CA GLU A 108 21.29 -10.18 4.47
C GLU A 108 20.51 -10.46 3.18
N ASP A 109 19.24 -10.84 3.31
CA ASP A 109 18.42 -11.03 2.13
C ASP A 109 18.29 -9.74 1.32
N LEU A 110 18.08 -8.61 2.01
CA LEU A 110 18.04 -7.32 1.33
C LEU A 110 19.34 -7.05 0.57
N ASN A 111 20.47 -7.26 1.23
CA ASN A 111 21.76 -7.01 0.57
C ASN A 111 21.87 -7.82 -0.72
N GLN A 112 21.56 -9.12 -0.65
CA GLN A 112 21.67 -9.99 -1.80
C GLN A 112 20.58 -9.75 -2.84
N LEU A 113 19.61 -8.87 -2.56
CA LEU A 113 18.62 -8.48 -3.56
C LEU A 113 19.22 -7.42 -4.48
N GLN A 114 18.96 -7.57 -5.78
CA GLN A 114 19.56 -6.67 -6.78
C GLN A 114 18.51 -6.33 -7.83
N ALA A 115 17.74 -5.27 -7.56
CA ALA A 115 16.64 -4.91 -8.42
C ALA A 115 16.41 -3.41 -8.42
N ASN A 116 16.03 -2.87 -9.59
CA ASN A 116 15.77 -1.44 -9.74
C ASN A 116 14.44 -1.01 -9.11
N TYR A 117 13.40 -1.84 -9.22
CA TYR A 117 12.11 -1.60 -8.58
C TYR A 117 11.80 -2.78 -7.67
N VAL A 118 11.45 -2.48 -6.44
CA VAL A 118 11.15 -3.49 -5.45
C VAL A 118 9.73 -3.23 -4.97
N LEU A 119 8.82 -4.12 -5.33
CA LEU A 119 7.43 -4.02 -4.91
C LEU A 119 7.23 -4.77 -3.60
N VAL A 120 6.62 -4.09 -2.62
CA VAL A 120 6.42 -4.64 -1.29
C VAL A 120 4.92 -4.86 -1.06
N ASP A 121 4.50 -6.12 -1.11
CA ASP A 121 3.12 -6.50 -0.77
C ASP A 121 2.96 -6.56 0.73
N THR A 122 1.93 -5.88 1.26
CA THR A 122 1.73 -5.81 2.70
C THR A 122 0.46 -6.51 3.14
N PRO A 123 0.38 -6.85 4.42
CA PRO A 123 -0.86 -7.47 4.93
C PRO A 123 -2.01 -6.49 4.95
N GLY A 124 -3.23 -7.02 4.80
CA GLY A 124 -4.42 -6.21 4.83
C GLY A 124 -4.93 -5.99 6.24
N GLN A 125 -4.01 -5.71 7.14
CA GLN A 125 -4.28 -5.23 8.49
C GLN A 125 -3.77 -3.80 8.53
N ILE A 126 -4.68 -2.86 8.30
CA ILE A 126 -4.20 -1.49 8.12
C ILE A 126 -3.81 -0.83 9.43
N GLU A 127 -4.19 -1.41 10.58
CA GLU A 127 -3.72 -0.80 11.81
C GLU A 127 -2.20 -0.87 11.95
N LEU A 128 -1.55 -1.82 11.25
CA LEU A 128 -0.09 -1.90 11.28
C LEU A 128 0.56 -0.64 10.72
N PHE A 129 -0.11 0.06 9.81
CA PHE A 129 0.41 1.27 9.21
C PHE A 129 -0.24 2.54 9.73
N ALA A 130 -1.48 2.48 10.22
CA ALA A 130 -2.16 3.70 10.62
C ALA A 130 -2.16 3.94 12.14
N TYR A 131 -2.14 2.87 12.94
CA TYR A 131 -2.42 2.99 14.37
C TYR A 131 -1.32 2.37 15.20
N ARG A 132 -0.23 1.95 14.56
CA ARG A 132 0.93 1.35 15.21
C ARG A 132 2.18 1.89 14.51
N ASP A 133 3.32 1.79 15.20
CA ASP A 133 4.58 2.17 14.59
C ASP A 133 5.21 1.07 13.74
N THR A 134 4.62 -0.12 13.76
CA THR A 134 5.22 -1.28 13.09
C THR A 134 5.45 -0.97 11.61
N GLY A 135 4.44 -0.46 10.93
CA GLY A 135 4.57 -0.20 9.50
C GLY A 135 5.70 0.75 9.19
N LYS A 136 5.85 1.81 9.99
CA LYS A 136 6.94 2.76 9.74
C LYS A 136 8.31 2.11 9.97
N ILE A 137 8.47 1.40 11.09
CA ILE A 137 9.77 0.84 11.42
C ILE A 137 10.18 -0.19 10.37
N LEU A 138 9.26 -1.06 9.99
CA LEU A 138 9.57 -2.12 9.04
C LEU A 138 9.85 -1.56 7.65
N SER A 139 8.97 -0.70 7.16
CA SER A 139 9.19 -0.11 5.84
C SER A 139 10.50 0.67 5.79
N SER A 140 10.86 1.38 6.87
CA SER A 140 12.12 2.10 6.85
C SER A 140 13.30 1.14 6.90
N PHE A 141 13.14 0.03 7.60
CA PHE A 141 14.21 -0.95 7.67
C PHE A 141 14.42 -1.63 6.32
N ILE A 142 13.33 -2.03 5.66
N ILE A 142 13.34 -2.01 5.63
CA ILE A 142 13.45 -2.75 4.40
CA ILE A 142 13.53 -2.79 4.41
C ILE A 142 14.10 -1.88 3.34
C ILE A 142 14.01 -1.92 3.26
N SER A 143 13.72 -0.62 3.28
CA SER A 143 14.12 0.29 2.22
C SER A 143 15.33 1.14 2.59
N GLU A 144 16.07 0.77 3.63
CA GLU A 144 17.15 1.61 4.13
C GLU A 144 18.11 1.92 3.00
N GLY A 145 18.51 3.19 2.92
CA GLY A 145 19.43 3.61 1.89
C GLY A 145 18.84 3.81 0.51
N SER A 146 17.53 3.72 0.38
CA SER A 146 16.88 3.84 -0.92
C SER A 146 15.63 4.72 -0.85
N LYS A 147 15.32 5.35 -1.97
CA LYS A 147 14.06 6.07 -2.08
C LYS A 147 12.85 5.13 -2.09
N SER A 148 11.77 5.56 -1.45
N SER A 148 11.77 5.56 -1.44
CA SER A 148 10.57 4.72 -1.32
CA SER A 148 10.57 4.74 -1.32
C SER A 148 9.32 5.58 -1.43
C SER A 148 9.33 5.61 -1.51
N VAL A 149 8.24 4.93 -1.87
CA VAL A 149 6.91 5.52 -2.03
C VAL A 149 5.92 4.49 -1.55
N SER A 150 4.85 4.95 -0.90
CA SER A 150 3.74 4.10 -0.54
CA SER A 150 3.73 4.11 -0.53
C SER A 150 2.61 4.32 -1.55
N VAL A 151 1.93 3.26 -1.92
CA VAL A 151 0.73 3.30 -2.75
C VAL A 151 -0.43 2.81 -1.90
N PHE A 152 -1.40 3.69 -1.61
CA PHE A 152 -2.54 3.30 -0.80
C PHE A 152 -3.76 3.07 -1.68
N LEU A 153 -4.41 1.93 -1.48
CA LEU A 153 -5.53 1.50 -2.31
C LEU A 153 -6.84 1.91 -1.64
N PHE A 154 -7.59 2.76 -2.34
CA PHE A 154 -8.98 3.09 -2.06
C PHE A 154 -9.83 2.05 -2.79
N ASP A 155 -10.43 1.13 -2.05
CA ASP A 155 -11.26 0.08 -2.65
C ASP A 155 -12.47 0.73 -3.31
N SER A 156 -12.64 0.51 -4.63
CA SER A 156 -13.75 1.14 -5.35
C SER A 156 -15.10 0.80 -4.74
N TYR A 157 -15.26 -0.44 -4.28
CA TYR A 157 -16.53 -0.86 -3.69
C TYR A 157 -16.86 0.01 -2.47
N LEU A 158 -15.84 0.31 -1.67
CA LEU A 158 -16.04 1.14 -0.49
C LEU A 158 -16.10 2.62 -0.82
N SER A 159 -15.55 3.03 -1.95
CA SER A 159 -15.43 4.45 -2.24
C SER A 159 -16.67 5.03 -2.90
N LYS A 160 -17.54 4.19 -3.48
CA LYS A 160 -18.72 4.71 -4.15
C LYS A 160 -19.73 5.29 -3.16
N ASP A 161 -19.61 4.99 -1.87
CA ASP A 161 -20.43 5.62 -0.85
CA ASP A 161 -20.43 5.62 -0.85
C ASP A 161 -19.70 6.83 -0.30
N PRO A 162 -20.25 8.04 -0.39
CA PRO A 162 -19.44 9.23 -0.06
C PRO A 162 -18.92 9.24 1.37
N LYS A 163 -19.73 8.83 2.33
CA LYS A 163 -19.26 8.80 3.71
C LYS A 163 -18.18 7.76 3.89
N SER A 164 -18.27 6.63 3.18
CA SER A 164 -17.21 5.64 3.22
C SER A 164 -15.93 6.14 2.54
N PHE A 165 -16.06 6.85 1.42
CA PHE A 165 -14.90 7.48 0.76
C PHE A 165 -14.13 8.38 1.72
N LEU A 166 -14.85 9.23 2.46
CA LEU A 166 -14.19 10.21 3.33
C LEU A 166 -13.48 9.53 4.50
N SER A 167 -14.06 8.45 5.04
N SER A 167 -14.06 8.45 5.04
CA SER A 167 -13.38 7.73 6.10
CA SER A 167 -13.37 7.74 6.11
C SER A 167 -12.05 7.16 5.60
C SER A 167 -12.05 7.16 5.60
N LEU A 168 -12.02 6.74 4.33
CA LEU A 168 -10.78 6.22 3.77
C LEU A 168 -9.75 7.32 3.55
N PHE A 169 -10.18 8.54 3.27
CA PHE A 169 -9.25 9.67 3.23
C PHE A 169 -8.67 9.97 4.61
N LEU A 170 -9.50 9.85 5.65
CA LEU A 170 -8.98 9.97 7.01
C LEU A 170 -7.95 8.89 7.29
N LEU A 171 -8.29 7.64 6.98
CA LEU A 171 -7.37 6.52 7.17
C LEU A 171 -6.07 6.75 6.41
N SER A 172 -6.17 7.16 5.14
CA SER A 172 -4.95 7.35 4.35
C SER A 172 -4.09 8.47 4.92
N SER A 173 -4.70 9.46 5.56
CA SER A 173 -3.98 10.57 6.16
C SER A 173 -3.24 10.12 7.41
N SER A 174 -3.86 9.24 8.21
CA SER A 174 -3.17 8.67 9.36
C SER A 174 -1.96 7.84 8.92
N ILE A 175 -2.11 7.06 7.85
CA ILE A 175 -0.94 6.32 7.33
C ILE A 175 0.13 7.29 6.85
N LYS A 176 -0.25 8.28 6.05
CA LYS A 176 0.75 9.20 5.51
C LYS A 176 1.49 9.92 6.62
N PHE A 177 0.78 10.27 7.70
CA PHE A 177 1.44 10.97 8.80
C PHE A 177 2.46 10.09 9.49
N ARG A 178 2.20 8.79 9.59
CA ARG A 178 3.07 7.88 10.33
C ARG A 178 4.23 7.38 9.48
N ILE A 179 3.94 6.89 8.28
N ILE A 179 3.94 6.90 8.27
CA ILE A 179 4.97 6.37 7.40
CA ILE A 179 4.96 6.37 7.38
C ILE A 179 5.83 7.54 6.93
C ILE A 179 5.83 7.53 6.89
N ASP A 180 7.12 7.30 6.82
CA ASP A 180 8.06 8.36 6.48
C ASP A 180 8.46 8.30 5.00
N MET A 181 7.46 8.41 4.15
CA MET A 181 7.68 8.41 2.71
C MET A 181 6.47 9.02 2.04
N PRO A 182 6.61 9.51 0.81
CA PRO A 182 5.47 10.05 0.07
C PRO A 182 4.49 8.95 -0.24
N GLN A 183 3.24 9.36 -0.47
CA GLN A 183 2.18 8.40 -0.73
C GLN A 183 1.36 8.80 -1.94
N ILE A 184 1.09 7.81 -2.77
CA ILE A 184 0.26 7.94 -3.96
C ILE A 184 -1.06 7.27 -3.67
N SER A 185 -2.16 7.94 -4.01
CA SER A 185 -3.49 7.37 -3.82
C SER A 185 -3.97 6.74 -5.12
N VAL A 186 -4.50 5.53 -5.01
CA VAL A 186 -5.04 4.77 -6.14
C VAL A 186 -6.49 4.38 -5.82
N LEU A 187 -7.36 4.50 -6.81
CA LEU A 187 -8.72 3.95 -6.74
C LEU A 187 -8.67 2.56 -7.36
N SER A 188 -8.60 1.53 -6.52
CA SER A 188 -8.43 0.18 -7.02
C SER A 188 -9.77 -0.46 -7.38
N LYS A 189 -9.67 -1.47 -8.23
CA LYS A 189 -10.82 -2.22 -8.73
C LYS A 189 -11.83 -1.31 -9.40
N VAL A 190 -11.34 -0.34 -10.18
CA VAL A 190 -12.25 0.63 -10.79
C VAL A 190 -13.19 0.00 -11.78
N ASP A 191 -12.90 -1.22 -12.25
CA ASP A 191 -13.81 -1.91 -13.15
C ASP A 191 -15.15 -2.21 -12.49
N LEU A 192 -15.19 -2.19 -11.17
CA LEU A 192 -16.42 -2.42 -10.43
C LEU A 192 -17.36 -1.22 -10.50
N LEU A 193 -16.91 -0.10 -11.03
CA LEU A 193 -17.71 1.11 -11.08
C LEU A 193 -18.25 1.37 -12.49
N SER A 194 -19.41 2.02 -12.54
CA SER A 194 -19.96 2.48 -13.80
C SER A 194 -19.37 3.84 -14.15
N SER A 195 -19.54 4.23 -15.41
CA SER A 195 -19.02 5.53 -15.84
C SER A 195 -19.59 6.66 -14.97
N SER A 196 -20.90 6.61 -14.69
N SER A 196 -20.89 6.62 -14.68
CA SER A 196 -21.52 7.68 -13.93
CA SER A 196 -21.50 7.70 -13.92
C SER A 196 -20.99 7.73 -12.49
C SER A 196 -20.99 7.73 -12.49
N GLU A 197 -20.79 6.56 -11.88
CA GLU A 197 -20.27 6.53 -10.52
C GLU A 197 -18.87 7.13 -10.46
N LEU A 198 -18.00 6.76 -11.40
CA LEU A 198 -16.64 7.30 -11.40
C LEU A 198 -16.66 8.82 -11.55
N GLU A 199 -17.40 9.31 -12.55
CA GLU A 199 -17.51 10.76 -12.75
C GLU A 199 -18.10 11.44 -11.53
N ARG A 200 -19.08 10.83 -10.88
CA ARG A 200 -19.64 11.45 -9.68
C ARG A 200 -18.59 11.54 -8.58
N MET A 201 -17.82 10.47 -8.40
CA MET A 201 -16.79 10.49 -7.36
C MET A 201 -15.71 11.50 -7.69
N ARG A 202 -15.35 11.61 -8.97
N ARG A 202 -15.34 11.60 -8.97
CA ARG A 202 -14.36 12.61 -9.37
CA ARG A 202 -14.36 12.61 -9.36
C ARG A 202 -14.87 14.02 -9.12
C ARG A 202 -14.88 14.01 -9.07
N SER A 203 -16.17 14.25 -9.30
CA SER A 203 -16.72 15.58 -9.03
C SER A 203 -16.80 15.83 -7.52
N TRP A 204 -17.09 14.78 -6.75
CA TRP A 204 -17.09 14.91 -5.30
C TRP A 204 -15.80 15.53 -4.80
N ILE A 205 -14.68 15.11 -5.39
CA ILE A 205 -13.35 15.49 -4.93
C ILE A 205 -12.90 16.75 -5.64
N GLU A 206 -12.72 16.65 -6.96
CA GLU A 206 -12.17 17.76 -7.73
C GLU A 206 -13.05 19.00 -7.67
N ASP A 207 -14.27 18.91 -7.16
CA ASP A 207 -15.14 20.08 -7.01
C ASP A 207 -15.66 20.30 -5.60
N GLY A 208 -15.42 19.38 -4.68
CA GLY A 208 -15.84 19.55 -3.30
C GLY A 208 -17.31 19.30 -3.04
N SER A 209 -18.06 18.85 -4.05
CA SER A 209 -19.49 18.63 -3.88
C SER A 209 -19.82 17.49 -2.92
N ILE A 210 -18.82 16.72 -2.51
CA ILE A 210 -19.08 15.59 -1.63
C ILE A 210 -19.72 16.05 -0.34
N ILE A 211 -19.43 17.27 0.10
CA ILE A 211 -19.93 17.75 1.37
C ILE A 211 -21.45 17.81 1.39
N ASP A 212 -22.10 17.83 0.23
CA ASP A 212 -23.55 17.86 0.16
C ASP A 212 -24.17 16.47 0.18
N GLU A 213 -23.40 15.44 -0.16
CA GLU A 213 -23.87 14.06 -0.18
C GLU A 213 -23.86 13.42 1.19
N LEU A 214 -23.68 14.21 2.25
CA LEU A 214 -23.55 13.67 3.60
C LEU A 214 -24.81 13.81 4.42
N GLY A 215 -25.61 14.84 4.18
CA GLY A 215 -26.90 14.97 4.83
C GLY A 215 -26.85 15.16 6.33
N SER A 216 -27.38 14.19 7.06
CA SER A 216 -27.47 14.27 8.52
C SER A 216 -26.10 13.94 9.10
N ILE A 217 -25.37 14.97 9.53
CA ILE A 217 -24.05 14.80 10.11
C ILE A 217 -23.91 15.75 11.29
N ASP A 218 -23.42 15.22 12.42
CA ASP A 218 -23.18 16.02 13.60
C ASP A 218 -22.10 17.07 13.31
N GLU A 219 -21.96 18.04 14.21
CA GLU A 219 -21.00 19.11 13.97
C GLU A 219 -19.56 18.60 13.97
N TYR A 220 -19.24 17.67 14.86
CA TYR A 220 -17.87 17.17 14.96
C TYR A 220 -17.43 16.51 13.65
N SER A 221 -18.19 15.52 13.20
CA SER A 221 -17.85 14.86 11.94
C SER A 221 -17.78 15.86 10.79
N PHE A 222 -18.61 16.90 10.83
CA PHE A 222 -18.58 17.88 9.74
C PHE A 222 -17.26 18.62 9.70
N GLU A 223 -16.73 18.99 10.86
CA GLU A 223 -15.47 19.73 10.89
C GLU A 223 -14.33 18.87 10.37
N LEU A 224 -14.31 17.58 10.72
CA LEU A 224 -13.29 16.70 10.14
C LEU A 224 -13.44 16.65 8.62
N VAL A 225 -14.67 16.51 8.13
CA VAL A 225 -14.89 16.41 6.69
C VAL A 225 -14.43 17.68 5.99
N LYS A 226 -14.74 18.85 6.57
CA LYS A 226 -14.32 20.11 5.98
C LYS A 226 -12.81 20.15 5.83
N THR A 227 -12.09 19.73 6.87
CA THR A 227 -10.63 19.71 6.81
C THR A 227 -10.12 18.76 5.75
N ILE A 228 -10.76 17.59 5.64
CA ILE A 228 -10.36 16.61 4.62
C ILE A 228 -10.53 17.22 3.23
N VAL A 229 -11.75 17.67 2.92
CA VAL A 229 -12.04 18.16 1.58
C VAL A 229 -11.18 19.37 1.26
N GLU A 230 -10.95 20.25 2.24
CA GLU A 230 -10.15 21.43 1.99
C GLU A 230 -8.72 21.08 1.61
N ASN A 231 -8.25 19.87 1.93
CA ASN A 231 -6.88 19.45 1.63
C ASN A 231 -6.81 18.28 0.67
N LEU A 232 -7.84 18.07 -0.15
CA LEU A 232 -7.80 17.01 -1.16
C LEU A 232 -7.07 17.55 -2.39
N GLU A 233 -5.82 17.13 -2.56
CA GLU A 233 -5.00 17.66 -3.64
C GLU A 233 -5.46 17.13 -4.99
N SER A 234 -5.68 15.83 -5.09
CA SER A 234 -5.99 15.22 -6.37
C SER A 234 -6.82 13.96 -6.17
N PHE A 235 -7.51 13.55 -7.23
CA PHE A 235 -8.33 12.35 -7.20
C PHE A 235 -7.44 11.10 -7.31
N PRO A 236 -7.73 10.06 -6.52
CA PRO A 236 -6.92 8.84 -6.60
C PRO A 236 -6.87 8.29 -8.01
N ILE A 237 -5.72 7.79 -8.39
CA ILE A 237 -5.51 7.30 -9.74
C ILE A 237 -6.36 6.05 -9.96
N PRO A 238 -7.24 6.04 -10.96
CA PRO A 238 -8.08 4.84 -11.15
C PRO A 238 -7.26 3.70 -11.75
N VAL A 239 -7.24 2.57 -11.05
CA VAL A 239 -6.48 1.39 -11.48
C VAL A 239 -7.41 0.19 -11.48
N SER A 240 -7.24 -0.69 -12.46
CA SER A 240 -7.95 -1.96 -12.49
C SER A 240 -6.96 -3.05 -12.88
N SER A 241 -6.53 -3.86 -11.91
CA SER A 241 -5.54 -4.89 -12.21
C SER A 241 -6.12 -5.94 -13.16
N THR A 242 -7.40 -6.28 -13.00
CA THR A 242 -8.01 -7.29 -13.85
C THR A 242 -8.09 -6.82 -15.29
N ASN A 243 -8.53 -5.58 -15.50
CA ASN A 243 -8.54 -4.99 -16.84
C ASN A 243 -7.17 -4.45 -17.25
N PHE A 244 -6.16 -4.57 -16.39
CA PHE A 244 -4.80 -4.12 -16.69
C PHE A 244 -4.82 -2.70 -17.23
N SER A 245 -5.49 -1.80 -16.51
CA SER A 245 -5.65 -0.42 -16.94
C SER A 245 -5.22 0.51 -15.83
N GLY A 246 -4.74 1.69 -16.22
CA GLY A 246 -4.30 2.66 -15.25
C GLY A 246 -2.91 2.43 -14.69
N LEU A 247 -2.21 1.39 -15.13
CA LEU A 247 -0.87 1.13 -14.61
C LEU A 247 0.15 2.11 -15.15
N ASP A 248 -0.09 2.69 -16.33
CA ASP A 248 0.84 3.67 -16.88
C ASP A 248 0.74 4.99 -16.13
N GLN A 249 -0.48 5.42 -15.80
CA GLN A 249 -0.68 6.59 -14.94
C GLN A 249 -0.01 6.38 -13.60
N LEU A 250 -0.25 5.22 -12.98
CA LEU A 250 0.39 4.92 -11.71
C LEU A 250 1.90 4.98 -11.83
N TYR A 251 2.46 4.35 -12.86
CA TYR A 251 3.90 4.35 -13.01
C TYR A 251 4.44 5.71 -13.41
N ALA A 252 3.63 6.55 -14.08
CA ALA A 252 4.08 7.91 -14.34
C ALA A 252 4.15 8.74 -13.06
N GLU A 253 3.22 8.50 -12.12
CA GLU A 253 3.22 9.22 -10.86
C GLU A 253 4.31 8.73 -9.91
N VAL A 254 4.56 7.41 -9.87
CA VAL A 254 5.70 6.89 -9.13
C VAL A 254 6.99 7.58 -9.54
N GLN A 255 7.22 7.71 -10.85
N GLN A 255 7.24 7.67 -10.86
CA GLN A 255 8.45 8.32 -11.34
CA GLN A 255 8.44 8.32 -11.35
C GLN A 255 8.50 9.81 -10.99
C GLN A 255 8.49 9.79 -10.91
N LYS A 256 7.36 10.48 -11.04
CA LYS A 256 7.31 11.90 -10.69
C LYS A 256 7.61 12.09 -9.20
N VAL A 257 7.16 11.15 -8.37
CA VAL A 257 7.36 11.27 -6.93
C VAL A 257 8.79 10.92 -6.56
N LEU A 258 9.33 9.84 -7.12
CA LEU A 258 10.68 9.42 -6.76
C LEU A 258 11.74 10.39 -7.28
N ALA A 259 11.42 11.18 -8.31
CA ALA A 259 12.35 12.17 -8.85
C ALA A 259 12.34 13.43 -8.00
#